data_1JJE
#
_entry.id   1JJE
#
_cell.length_a   71.440
_cell.length_b   43.240
_cell.length_c   64.230
_cell.angle_alpha   90.00
_cell.angle_beta   100.93
_cell.angle_gamma   90.00
#
_symmetry.space_group_name_H-M   'P 1 21 1'
#
loop_
_entity.id
_entity.type
_entity.pdbx_description
1 polymer 'IMP-1 METALLO BETA-LACTAMASE'
2 non-polymer 'ZINC ION'
3 non-polymer 'ACETATE ION'
4 non-polymer '2-BENZO[1,3]DIOXOL-5-YLMETHYL-3-BENZYL-SUCCINIC ACID'
5 water water
#
_entity_poly.entity_id   1
_entity_poly.type   'polypeptide(L)'
_entity_poly.pdbx_seq_one_letter_code
;AESLPDLKIEKLDEGVYVHTSFEEVNGWGVVPKHGLVVLVNAEAYLIDTPFTAKDTEKLVTWFVERGYKIKGSISSHFHS
DSTGGIEWLNSRSIPTYASELTNELLKKDGKVQATNSFSGVNYWLVKNKIEVFYPGPGHTPDNVVVWLPERKILFGGCFI
KPYGLGNLGDANIEAWPKSAKLLKSKYGKAKLVVPSHSEVGDASLLKLTLEQAVKGLNESKK
;
_entity_poly.pdbx_strand_id   A,B
#
loop_
_chem_comp.id
_chem_comp.type
_chem_comp.name
_chem_comp.formula
ACT non-polymer 'ACETATE ION' 'C2 H3 O2 -1'
BYS non-polymer '2-BENZO[1,3]DIOXOL-5-YLMETHYL-3-BENZYL-SUCCINIC ACID' 'C19 H18 O6'
ZN non-polymer 'ZINC ION' 'Zn 2'
#
# COMPACT_ATOMS: atom_id res chain seq x y z
N SER A 3 15.13 11.33 2.14
CA SER A 3 15.87 10.22 2.72
C SER A 3 15.71 10.13 4.23
N LEU A 4 14.52 9.85 4.72
CA LEU A 4 14.31 9.62 6.15
C LEU A 4 14.03 8.14 6.43
N PRO A 5 14.43 7.66 7.60
CA PRO A 5 14.23 6.26 7.96
C PRO A 5 12.78 5.80 7.91
N ASP A 6 12.60 4.52 7.60
CA ASP A 6 11.29 3.90 7.52
C ASP A 6 10.61 3.69 8.88
N LEU A 7 9.28 3.74 8.85
CA LEU A 7 8.40 3.40 9.95
C LEU A 7 8.79 2.02 10.45
N LYS A 8 8.91 1.87 11.77
CA LYS A 8 9.13 0.59 12.39
C LYS A 8 7.84 0.19 13.13
N ILE A 9 7.50 -1.08 13.11
CA ILE A 9 6.41 -1.69 13.84
C ILE A 9 6.97 -2.95 14.52
N GLU A 10 6.97 -2.96 15.84
CA GLU A 10 7.60 -4.03 16.60
C GLU A 10 6.70 -4.40 17.78
N LYS A 11 6.62 -5.70 18.05
CA LYS A 11 5.79 -6.17 19.16
C LYS A 11 6.48 -5.98 20.50
N LEU A 12 5.78 -5.50 21.52
CA LEU A 12 6.42 -5.19 22.80
C LEU A 12 5.93 -6.18 23.85
N ASP A 13 4.73 -6.66 23.54
CA ASP A 13 3.94 -7.50 24.43
C ASP A 13 2.72 -8.00 23.67
N GLU A 14 1.98 -8.92 24.26
CA GLU A 14 0.76 -9.38 23.59
C GLU A 14 -0.18 -8.22 23.31
N GLY A 15 -0.53 -7.98 22.06
CA GLY A 15 -1.46 -6.96 21.61
C GLY A 15 -0.97 -5.53 21.72
N VAL A 16 0.30 -5.38 22.08
CA VAL A 16 0.90 -4.04 22.22
C VAL A 16 2.07 -3.89 21.28
N TYR A 17 2.00 -2.91 20.39
CA TYR A 17 3.10 -2.71 19.45
C TYR A 17 3.71 -1.33 19.65
N VAL A 18 5.01 -1.22 19.35
CA VAL A 18 5.62 0.11 19.39
C VAL A 18 5.77 0.52 17.93
N HIS A 19 5.35 1.73 17.59
CA HIS A 19 5.64 2.21 16.23
C HIS A 19 6.68 3.32 16.38
N THR A 20 7.68 3.26 15.52
CA THR A 20 8.74 4.25 15.55
C THR A 20 8.77 5.02 14.23
N SER A 21 8.63 6.34 14.31
CA SER A 21 8.76 7.16 13.10
C SER A 21 9.86 8.20 13.28
N PHE A 22 10.42 8.66 12.17
CA PHE A 22 11.58 9.53 12.21
C PHE A 22 11.31 10.82 11.46
N GLU A 23 11.90 11.91 11.94
CA GLU A 23 11.68 13.18 11.23
C GLU A 23 12.90 14.04 11.56
N GLU A 24 13.28 14.95 10.66
CA GLU A 24 14.36 15.87 11.02
C GLU A 24 13.80 16.95 11.92
N VAL A 25 14.43 17.22 13.07
CA VAL A 25 13.73 18.24 13.86
C VAL A 25 14.64 19.42 14.17
N ASN A 26 14.35 20.53 13.50
CA ASN A 26 15.11 21.76 13.61
C ASN A 26 16.60 21.50 13.43
N GLY A 27 17.32 21.82 14.51
CA GLY A 27 18.77 21.60 14.60
C GLY A 27 19.20 20.34 15.29
N TRP A 28 18.25 19.51 15.74
CA TRP A 28 18.58 18.31 16.48
C TRP A 28 18.81 17.09 15.60
N GLY A 29 18.79 17.26 14.28
CA GLY A 29 19.03 16.07 13.46
C GLY A 29 17.76 15.22 13.40
N VAL A 30 17.91 14.00 12.90
CA VAL A 30 16.77 13.08 12.76
C VAL A 30 16.42 12.57 14.17
N VAL A 31 15.16 12.72 14.54
CA VAL A 31 14.65 12.32 15.84
C VAL A 31 13.75 11.10 15.75
N PRO A 32 14.02 10.05 16.53
CA PRO A 32 13.05 8.96 16.58
C PRO A 32 11.90 9.34 17.51
N LYS A 33 10.70 8.91 17.20
CA LYS A 33 9.51 9.13 18.03
C LYS A 33 8.75 7.81 18.21
N HIS A 34 8.57 7.38 19.46
CA HIS A 34 7.82 6.18 19.77
C HIS A 34 6.36 6.49 20.13
N GLY A 35 5.47 5.71 19.53
CA GLY A 35 4.06 5.62 19.90
C GLY A 35 3.74 4.14 20.06
N LEU A 36 2.49 3.85 20.46
CA LEU A 36 2.02 2.47 20.53
C LEU A 36 0.86 2.26 19.59
N VAL A 37 0.60 1.00 19.22
CA VAL A 37 -0.69 0.57 18.71
C VAL A 37 -1.15 -0.51 19.71
N VAL A 38 -2.28 -0.24 20.32
CA VAL A 38 -2.85 -1.15 21.30
C VAL A 38 -4.05 -1.90 20.70
N LEU A 39 -3.91 -3.22 20.65
CA LEU A 39 -4.97 -4.07 20.11
C LEU A 39 -5.87 -4.54 21.25
N VAL A 40 -7.15 -4.25 21.12
CA VAL A 40 -8.21 -4.70 22.01
C VAL A 40 -9.08 -5.67 21.19
N ASN A 41 -8.57 -6.90 21.16
CA ASN A 41 -9.12 -7.89 20.24
C ASN A 41 -8.93 -7.43 18.79
N ALA A 42 -10.06 -7.21 18.11
CA ALA A 42 -9.95 -6.80 16.71
C ALA A 42 -9.92 -5.28 16.59
N GLU A 43 -10.12 -4.62 17.75
CA GLU A 43 -10.08 -3.17 17.81
C GLU A 43 -8.67 -2.61 17.96
N ALA A 44 -8.16 -1.81 17.03
CA ALA A 44 -6.84 -1.19 17.22
C ALA A 44 -6.90 0.30 17.55
N TYR A 45 -6.10 0.69 18.54
CA TYR A 45 -5.98 2.07 18.99
C TYR A 45 -4.56 2.61 18.82
N LEU A 46 -4.43 3.75 18.16
CA LEU A 46 -3.08 4.36 18.03
C LEU A 46 -2.82 5.23 19.26
N ILE A 47 -1.69 5.03 19.94
CA ILE A 47 -1.33 5.92 21.05
C ILE A 47 -0.24 6.85 20.50
N ASP A 48 -0.63 8.07 20.19
CA ASP A 48 0.12 9.07 19.44
C ASP A 48 0.15 8.69 17.96
N THR A 49 0.09 9.69 17.07
CA THR A 49 0.23 9.35 15.66
C THR A 49 1.71 9.48 15.31
N PRO A 50 2.15 8.83 14.26
CA PRO A 50 3.45 9.21 13.67
C PRO A 50 3.55 10.70 13.38
N PHE A 51 4.79 11.10 13.05
CA PHE A 51 5.02 12.49 12.70
C PHE A 51 4.18 12.93 11.51
N THR A 52 4.05 12.03 10.52
CA THR A 52 3.50 12.45 9.23
C THR A 52 2.23 11.73 8.81
N ALA A 53 1.53 12.35 7.84
CA ALA A 53 0.38 11.67 7.29
C ALA A 53 0.81 10.36 6.64
N LYS A 54 1.95 10.39 5.95
CA LYS A 54 2.32 9.19 5.19
C LYS A 54 2.58 8.02 6.12
N ASP A 55 3.31 8.29 7.21
CA ASP A 55 3.63 7.18 8.11
C ASP A 55 2.36 6.73 8.83
N THR A 56 1.42 7.66 9.02
CA THR A 56 0.14 7.29 9.65
C THR A 56 -0.64 6.35 8.74
N GLU A 57 -0.60 6.68 7.45
CA GLU A 57 -1.27 5.81 6.48
C GLU A 57 -0.58 4.45 6.49
N LYS A 58 0.75 4.46 6.35
CA LYS A 58 1.48 3.20 6.39
C LYS A 58 1.09 2.35 7.61
N LEU A 59 1.12 2.96 8.78
CA LEU A 59 0.81 2.32 10.04
C LEU A 59 -0.59 1.72 10.04
N VAL A 60 -1.58 2.57 9.71
CA VAL A 60 -2.97 2.09 9.66
C VAL A 60 -3.19 0.98 8.65
N THR A 61 -2.67 1.15 7.44
CA THR A 61 -2.83 0.15 6.39
C THR A 61 -2.20 -1.19 6.75
N TRP A 62 -1.11 -1.14 7.52
CA TRP A 62 -0.44 -2.34 7.99
C TRP A 62 -1.38 -3.15 8.89
N PHE A 63 -2.12 -2.54 9.81
CA PHE A 63 -3.10 -3.24 10.63
C PHE A 63 -4.41 -3.49 9.89
N VAL A 64 -4.85 -2.51 9.10
CA VAL A 64 -6.09 -2.71 8.34
C VAL A 64 -5.94 -3.93 7.42
N GLU A 65 -4.79 -4.05 6.77
CA GLU A 65 -4.35 -5.13 5.92
C GLU A 65 -4.35 -6.48 6.62
N ARG A 66 -4.05 -6.47 7.92
CA ARG A 66 -4.08 -7.76 8.62
C ARG A 66 -5.45 -7.99 9.23
N GLY A 67 -6.31 -6.99 9.03
CA GLY A 67 -7.71 -7.12 9.36
C GLY A 67 -8.26 -6.43 10.57
N TYR A 68 -7.52 -5.59 11.29
CA TYR A 68 -8.09 -4.97 12.47
C TYR A 68 -8.85 -3.68 12.14
N LYS A 69 -9.69 -3.29 13.10
CA LYS A 69 -10.51 -2.09 12.98
C LYS A 69 -9.89 -0.96 13.79
N ILE A 70 -9.48 0.11 13.08
CA ILE A 70 -8.88 1.24 13.81
C ILE A 70 -10.01 1.98 14.51
N LYS A 71 -10.10 1.89 15.83
CA LYS A 71 -11.24 2.45 16.51
C LYS A 71 -10.96 3.88 16.96
N GLY A 72 -9.66 4.23 16.94
CA GLY A 72 -9.36 5.57 17.43
C GLY A 72 -7.87 5.77 17.69
N SER A 73 -7.57 7.03 17.91
CA SER A 73 -6.27 7.59 18.17
C SER A 73 -6.35 8.56 19.34
N ILE A 74 -5.38 8.49 20.23
CA ILE A 74 -5.27 9.49 21.28
C ILE A 74 -3.87 10.11 21.20
N SER A 75 -3.79 11.44 21.32
CA SER A 75 -2.53 12.20 21.22
C SER A 75 -2.14 12.71 22.60
N SER A 76 -0.90 12.45 23.00
CA SER A 76 -0.46 12.74 24.35
C SER A 76 -0.09 14.20 24.58
N HIS A 77 0.06 15.00 23.54
CA HIS A 77 0.30 16.44 23.70
C HIS A 77 0.22 17.05 22.30
N PHE A 78 0.23 18.38 22.20
CA PHE A 78 -0.10 19.08 20.97
C PHE A 78 1.01 19.06 19.93
N HIS A 79 2.27 18.80 20.26
CA HIS A 79 3.33 18.83 19.24
C HIS A 79 3.15 17.83 18.12
N SER A 80 3.62 18.11 16.90
CA SER A 80 3.27 17.22 15.78
C SER A 80 3.89 15.84 15.89
N ASP A 81 4.83 15.57 16.80
CA ASP A 81 5.28 14.17 16.92
C ASP A 81 4.20 13.35 17.61
N SER A 82 3.21 14.02 18.19
CA SER A 82 2.08 13.26 18.75
C SER A 82 0.82 13.43 17.89
N THR A 83 0.68 14.54 17.17
CA THR A 83 -0.52 14.87 16.41
C THR A 83 -0.36 14.95 14.90
N GLY A 84 0.80 14.69 14.33
CA GLY A 84 1.01 14.91 12.90
C GLY A 84 0.02 14.21 11.99
N GLY A 85 -0.52 13.03 12.36
CA GLY A 85 -1.43 12.34 11.47
C GLY A 85 -2.90 12.57 11.79
N ILE A 86 -3.27 13.46 12.72
CA ILE A 86 -4.71 13.64 13.04
C ILE A 86 -5.50 14.01 11.79
N GLU A 87 -4.94 14.90 10.97
CA GLU A 87 -5.65 15.29 9.74
C GLU A 87 -6.01 14.11 8.85
N TRP A 88 -5.04 13.25 8.56
CA TRP A 88 -5.21 12.09 7.70
C TRP A 88 -6.21 11.13 8.31
N LEU A 89 -6.12 10.95 9.63
CA LEU A 89 -7.07 10.02 10.24
C LEU A 89 -8.48 10.59 10.00
N ASN A 90 -8.67 11.86 10.37
CA ASN A 90 -9.97 12.51 10.15
C ASN A 90 -10.46 12.34 8.73
N SER A 91 -9.63 12.51 7.70
CA SER A 91 -10.10 12.28 6.34
C SER A 91 -10.52 10.85 6.08
N ARG A 92 -10.26 9.91 7.00
CA ARG A 92 -10.66 8.52 6.79
C ARG A 92 -11.72 8.11 7.81
N SER A 93 -12.41 9.08 8.43
CA SER A 93 -13.41 8.66 9.39
C SER A 93 -12.87 7.87 10.56
N ILE A 94 -11.60 8.03 10.93
CA ILE A 94 -11.13 7.37 12.15
C ILE A 94 -11.26 8.35 13.30
N PRO A 95 -11.99 8.03 14.35
CA PRO A 95 -12.12 9.02 15.43
C PRO A 95 -10.75 9.36 16.03
N THR A 96 -10.55 10.64 16.34
CA THR A 96 -9.32 11.13 16.99
C THR A 96 -9.71 11.81 18.30
N TYR A 97 -8.85 11.73 19.30
CA TYR A 97 -9.09 12.16 20.66
C TYR A 97 -7.89 12.97 21.17
N ALA A 98 -8.19 14.01 21.93
CA ALA A 98 -7.18 14.84 22.59
C ALA A 98 -7.86 15.58 23.74
N SER A 99 -7.07 16.03 24.71
CA SER A 99 -7.72 16.76 25.80
C SER A 99 -8.23 18.08 25.28
N GLU A 100 -9.10 18.77 26.00
CA GLU A 100 -9.57 20.05 25.45
C GLU A 100 -8.42 21.03 25.33
N LEU A 101 -7.52 20.99 26.31
CA LEU A 101 -6.35 21.86 26.32
C LEU A 101 -5.47 21.59 25.10
N THR A 102 -5.12 20.31 24.89
CA THR A 102 -4.42 19.98 23.65
C THR A 102 -5.18 20.49 22.43
N ASN A 103 -6.51 20.31 22.34
CA ASN A 103 -7.23 20.85 21.18
C ASN A 103 -7.12 22.37 21.11
N GLU A 104 -7.20 23.08 22.24
CA GLU A 104 -7.00 24.52 22.20
C GLU A 104 -5.63 24.89 21.63
N LEU A 105 -4.56 24.15 21.98
CA LEU A 105 -3.25 24.59 21.48
C LEU A 105 -3.10 24.28 20.01
N LEU A 106 -3.71 23.16 19.57
CA LEU A 106 -3.69 22.91 18.13
C LEU A 106 -4.35 24.03 17.34
N LYS A 107 -5.54 24.47 17.75
CA LYS A 107 -6.24 25.53 17.01
C LYS A 107 -5.45 26.83 17.05
N LYS A 108 -4.85 27.09 18.20
CA LYS A 108 -3.98 28.28 18.33
C LYS A 108 -2.77 28.22 17.41
N ASP A 109 -2.24 27.06 17.04
CA ASP A 109 -1.10 27.01 16.12
C ASP A 109 -1.54 26.80 14.67
N GLY A 110 -2.84 26.95 14.39
CA GLY A 110 -3.37 26.78 13.05
C GLY A 110 -3.39 25.34 12.57
N LYS A 111 -3.59 24.39 13.49
CA LYS A 111 -3.54 22.97 13.15
C LYS A 111 -4.89 22.27 13.31
N VAL A 112 -5.11 21.18 12.57
CA VAL A 112 -6.41 20.54 12.67
C VAL A 112 -6.55 19.91 14.06
N GLN A 113 -7.75 19.97 14.64
CA GLN A 113 -8.00 19.43 15.96
C GLN A 113 -8.52 18.00 15.91
N ALA A 114 -8.37 17.30 17.03
CA ALA A 114 -9.02 16.00 17.20
C ALA A 114 -10.55 16.16 17.15
N THR A 115 -11.26 15.13 16.69
CA THR A 115 -12.72 15.23 16.56
C THR A 115 -13.43 15.03 17.90
N ASN A 116 -12.74 14.51 18.90
CA ASN A 116 -13.27 14.20 20.21
C ASN A 116 -12.33 14.67 21.32
N SER A 117 -12.86 15.46 22.25
CA SER A 117 -12.00 15.93 23.33
C SER A 117 -12.47 15.30 24.65
N PHE A 118 -11.66 15.44 25.68
CA PHE A 118 -11.99 15.08 27.05
C PHE A 118 -11.27 16.06 27.98
N SER A 119 -11.64 16.03 29.24
CA SER A 119 -10.88 16.69 30.30
C SER A 119 -10.93 15.82 31.56
N GLY A 120 -10.63 16.43 32.70
CA GLY A 120 -10.49 15.66 33.92
C GLY A 120 -9.10 15.02 33.98
N VAL A 121 -8.58 14.84 35.18
CA VAL A 121 -7.24 14.31 35.41
C VAL A 121 -7.11 12.89 34.87
N ASN A 122 -8.26 12.25 34.71
CA ASN A 122 -8.32 10.85 34.27
C ASN A 122 -9.40 10.62 33.22
N TYR A 123 -9.03 9.90 32.17
CA TYR A 123 -10.01 9.63 31.13
C TYR A 123 -9.78 8.22 30.62
N TRP A 124 -10.86 7.45 30.49
CA TRP A 124 -10.62 6.09 30.00
C TRP A 124 -10.99 6.02 28.53
N LEU A 125 -9.99 5.78 27.67
CA LEU A 125 -10.39 5.59 26.27
C LEU A 125 -11.23 4.32 26.14
N VAL A 126 -10.87 3.31 26.91
CA VAL A 126 -11.41 1.96 26.92
C VAL A 126 -11.39 1.43 28.34
N LYS A 127 -12.55 1.16 28.93
CA LYS A 127 -12.62 0.83 30.35
C LYS A 127 -11.74 -0.37 30.68
N ASN A 128 -10.99 -0.25 31.77
CA ASN A 128 -10.01 -1.19 32.28
C ASN A 128 -9.02 -1.63 31.21
N LYS A 129 -8.84 -0.84 30.16
CA LYS A 129 -7.86 -1.22 29.14
C LYS A 129 -6.98 -0.05 28.76
N ILE A 130 -7.57 1.12 28.51
CA ILE A 130 -6.70 2.26 28.12
C ILE A 130 -7.14 3.49 28.92
N GLU A 131 -6.32 3.89 29.87
CA GLU A 131 -6.47 5.05 30.72
C GLU A 131 -5.51 6.17 30.30
N VAL A 132 -6.04 7.38 30.30
CA VAL A 132 -5.32 8.61 29.93
C VAL A 132 -5.13 9.48 31.18
N PHE A 133 -3.91 9.79 31.56
CA PHE A 133 -3.59 10.47 32.81
C PHE A 133 -2.75 11.74 32.67
N TYR A 134 -3.24 12.78 33.34
CA TYR A 134 -2.62 14.09 33.37
C TYR A 134 -1.81 14.30 34.64
N PRO A 135 -0.48 14.22 34.60
CA PRO A 135 0.33 14.39 35.80
C PRO A 135 0.68 15.82 36.15
N GLY A 136 0.24 16.79 35.34
CA GLY A 136 0.63 18.17 35.59
C GLY A 136 1.64 18.63 34.53
N PRO A 137 1.81 19.93 34.37
CA PRO A 137 2.71 20.44 33.33
C PRO A 137 4.10 19.85 33.45
N GLY A 138 4.72 19.69 32.27
CA GLY A 138 6.09 19.14 32.27
C GLY A 138 6.75 19.65 30.99
N HIS A 139 6.94 18.71 30.07
CA HIS A 139 7.39 18.97 28.72
C HIS A 139 6.51 20.03 28.06
N THR A 140 5.19 19.94 28.28
CA THR A 140 4.23 20.93 27.79
C THR A 140 3.15 21.16 28.84
N PRO A 141 2.38 22.25 28.77
CA PRO A 141 1.23 22.40 29.66
C PRO A 141 0.20 21.27 29.54
N ASP A 142 0.10 20.60 28.40
CA ASP A 142 -0.99 19.65 28.18
C ASP A 142 -0.57 18.20 28.20
N ASN A 143 0.71 17.90 28.40
CA ASN A 143 1.14 16.51 28.28
C ASN A 143 0.38 15.55 29.20
N VAL A 144 -0.06 14.43 28.61
CA VAL A 144 -0.68 13.38 29.43
C VAL A 144 0.05 12.06 29.21
N VAL A 145 -0.21 11.06 30.04
CA VAL A 145 0.35 9.72 29.82
C VAL A 145 -0.75 8.71 29.60
N VAL A 146 -0.39 7.58 29.02
CA VAL A 146 -1.33 6.50 28.79
C VAL A 146 -0.86 5.20 29.45
N TRP A 147 -1.73 4.61 30.24
CA TRP A 147 -1.49 3.41 31.03
C TRP A 147 -2.30 2.23 30.50
N LEU A 148 -1.65 1.07 30.45
CA LEU A 148 -2.29 -0.15 30.00
C LEU A 148 -2.34 -1.12 31.17
N PRO A 149 -3.45 -1.15 31.91
CA PRO A 149 -3.47 -1.86 33.19
C PRO A 149 -3.22 -3.36 33.03
N GLU A 150 -3.74 -3.94 31.95
CA GLU A 150 -3.67 -5.39 31.76
C GLU A 150 -2.25 -5.87 31.48
N ARG A 151 -1.37 -4.97 31.05
CA ARG A 151 0.01 -5.33 30.76
C ARG A 151 1.00 -4.60 31.65
N LYS A 152 0.48 -3.63 32.41
CA LYS A 152 1.35 -2.86 33.29
C LYS A 152 2.37 -2.03 32.50
N ILE A 153 1.94 -1.54 31.34
CA ILE A 153 2.77 -0.72 30.47
C ILE A 153 2.33 0.73 30.48
N LEU A 154 3.27 1.62 30.78
CA LEU A 154 3.00 3.04 30.82
C LEU A 154 3.61 3.80 29.62
N PHE A 155 2.77 4.43 28.81
CA PHE A 155 3.28 5.28 27.73
C PHE A 155 3.45 6.70 28.28
N GLY A 156 4.72 7.09 28.35
CA GLY A 156 5.18 8.34 28.92
C GLY A 156 5.20 9.51 27.97
N GLY A 157 5.31 9.29 26.65
CA GLY A 157 5.36 10.51 25.85
C GLY A 157 6.66 11.27 26.02
N CYS A 158 6.62 12.55 25.66
CA CYS A 158 7.76 13.44 25.74
C CYS A 158 7.98 13.97 27.15
N PHE A 159 7.14 13.52 28.08
CA PHE A 159 7.33 13.76 29.50
C PHE A 159 8.50 12.97 30.07
N ILE A 160 8.69 11.76 29.56
CA ILE A 160 9.72 10.89 30.15
C ILE A 160 11.05 11.20 29.48
N LYS A 161 12.02 11.66 30.22
CA LYS A 161 13.26 12.24 29.70
C LYS A 161 14.44 11.89 30.60
N PRO A 162 14.92 10.66 30.53
CA PRO A 162 15.85 10.14 31.54
C PRO A 162 17.27 10.66 31.42
N TYR A 163 17.63 11.30 30.30
CA TYR A 163 19.02 11.75 30.21
C TYR A 163 19.17 13.24 29.88
N GLY A 164 18.11 14.03 29.91
CA GLY A 164 18.08 15.43 29.51
C GLY A 164 16.67 15.80 29.04
N LEU A 165 16.18 17.01 29.26
CA LEU A 165 14.77 17.33 29.04
C LEU A 165 14.36 17.57 27.60
N GLY A 166 15.27 17.65 26.64
CA GLY A 166 14.88 17.84 25.26
C GLY A 166 14.37 19.24 24.97
N ASN A 167 13.27 19.36 24.22
CA ASN A 167 12.89 20.71 23.74
C ASN A 167 12.10 21.50 24.78
N LEU A 168 12.71 22.55 25.33
CA LEU A 168 12.12 23.33 26.40
C LEU A 168 11.24 24.48 25.90
N GLY A 169 11.11 24.63 24.60
CA GLY A 169 10.33 25.64 23.93
C GLY A 169 8.93 25.81 24.46
N ASP A 170 8.32 24.76 24.99
CA ASP A 170 6.97 24.91 25.51
C ASP A 170 6.91 24.38 26.93
N ALA A 171 8.10 24.14 27.48
CA ALA A 171 8.11 23.45 28.77
C ALA A 171 7.81 24.38 29.93
N ASN A 172 7.55 23.72 31.06
CA ASN A 172 7.30 24.37 32.34
C ASN A 172 8.28 23.77 33.35
N ILE A 173 9.52 24.26 33.30
CA ILE A 173 10.58 23.76 34.17
C ILE A 173 10.19 23.70 35.63
N GLU A 174 9.39 24.68 36.05
CA GLU A 174 9.10 24.85 37.48
C GLU A 174 8.04 23.88 37.96
N ALA A 175 7.17 23.45 37.03
CA ALA A 175 6.20 22.44 37.43
C ALA A 175 6.76 21.03 37.30
N TRP A 176 7.74 20.79 36.42
CA TRP A 176 8.09 19.42 36.06
C TRP A 176 8.46 18.53 37.24
N PRO A 177 9.30 18.92 38.19
CA PRO A 177 9.66 18.03 39.31
C PRO A 177 8.47 17.48 40.07
N LYS A 178 7.57 18.38 40.46
CA LYS A 178 6.33 17.99 41.11
C LYS A 178 5.57 16.98 40.26
N SER A 179 5.31 17.37 39.00
CA SER A 179 4.61 16.47 38.09
C SER A 179 5.38 15.15 37.96
N ALA A 180 6.70 15.24 37.81
CA ALA A 180 7.49 14.02 37.73
C ALA A 180 7.31 13.17 38.99
N LYS A 181 7.30 13.79 40.16
CA LYS A 181 7.14 13.02 41.40
C LYS A 181 5.79 12.34 41.47
N LEU A 182 4.73 13.07 41.15
CA LEU A 182 3.40 12.45 41.19
C LEU A 182 3.33 11.23 40.27
N LEU A 183 3.80 11.40 39.03
CA LEU A 183 3.76 10.28 38.09
C LEU A 183 4.59 9.15 38.70
N LYS A 184 5.74 9.50 39.25
CA LYS A 184 6.59 8.48 39.87
C LYS A 184 5.83 7.69 40.93
N SER A 185 5.08 8.42 41.75
CA SER A 185 4.36 7.76 42.83
C SER A 185 3.28 6.84 42.31
N LYS A 186 2.50 7.38 41.37
CA LYS A 186 1.33 6.69 40.85
C LYS A 186 1.70 5.42 40.12
N TYR A 187 2.71 5.53 39.25
CA TYR A 187 3.02 4.41 38.37
C TYR A 187 4.37 3.81 38.70
N GLY A 188 4.76 3.97 39.96
CA GLY A 188 5.98 3.36 40.45
C GLY A 188 6.10 1.91 40.05
N LYS A 189 4.99 1.17 39.95
CA LYS A 189 5.08 -0.26 39.64
C LYS A 189 4.82 -0.63 38.19
N ALA A 190 5.00 0.27 37.23
CA ALA A 190 4.91 -0.18 35.84
C ALA A 190 6.03 -1.19 35.58
N LYS A 191 5.80 -2.14 34.68
CA LYS A 191 6.87 -3.08 34.34
C LYS A 191 7.74 -2.45 33.25
N LEU A 192 7.05 -1.84 32.29
CA LEU A 192 7.65 -1.09 31.20
C LEU A 192 7.22 0.38 31.17
N VAL A 193 8.19 1.24 30.87
CA VAL A 193 7.97 2.67 30.65
C VAL A 193 8.42 3.06 29.24
N VAL A 194 7.52 3.54 28.40
CA VAL A 194 7.80 3.88 27.02
C VAL A 194 7.95 5.38 26.85
N PRO A 195 9.16 5.84 26.60
CA PRO A 195 9.38 7.26 26.31
C PRO A 195 9.21 7.54 24.82
N SER A 196 8.89 8.78 24.46
CA SER A 196 8.86 9.23 23.07
C SER A 196 10.20 9.11 22.37
N HIS A 197 11.31 9.53 23.00
CA HIS A 197 12.56 9.71 22.27
C HIS A 197 13.71 8.90 22.84
N SER A 198 13.44 8.01 23.77
CA SER A 198 14.38 7.03 24.33
C SER A 198 13.70 5.66 24.22
N GLU A 199 14.48 4.59 24.35
CA GLU A 199 13.89 3.26 24.19
C GLU A 199 13.13 2.87 25.47
N VAL A 200 12.44 1.74 25.44
CA VAL A 200 11.63 1.32 26.59
C VAL A 200 12.56 0.92 27.73
N GLY A 201 12.24 1.30 28.98
CA GLY A 201 13.08 0.87 30.11
C GLY A 201 12.09 0.46 31.20
N ASP A 202 12.51 0.49 32.46
CA ASP A 202 11.54 0.16 33.52
C ASP A 202 11.21 1.41 34.32
N ALA A 203 10.76 1.26 35.57
CA ALA A 203 10.32 2.42 36.33
C ALA A 203 11.49 3.32 36.69
N SER A 204 12.71 2.79 36.53
CA SER A 204 13.88 3.64 36.72
C SER A 204 13.78 4.91 35.89
N LEU A 205 13.17 4.86 34.70
CA LEU A 205 13.18 6.09 33.90
C LEU A 205 12.30 7.15 34.56
N LEU A 206 11.37 6.72 35.43
CA LEU A 206 10.50 7.68 36.11
C LEU A 206 11.35 8.50 37.08
N LYS A 207 12.26 7.81 37.76
CA LYS A 207 13.16 8.38 38.75
C LYS A 207 14.23 9.20 38.06
N LEU A 208 14.74 8.71 36.92
CA LEU A 208 15.71 9.57 36.21
C LEU A 208 15.07 10.84 35.66
N THR A 209 13.85 10.77 35.16
CA THR A 209 13.14 11.96 34.66
C THR A 209 13.05 13.00 35.78
N LEU A 210 12.56 12.53 36.94
CA LEU A 210 12.52 13.40 38.12
C LEU A 210 13.87 14.03 38.41
N GLU A 211 14.98 13.30 38.24
CA GLU A 211 16.30 13.86 38.54
C GLU A 211 16.66 14.95 37.55
N GLN A 212 16.35 14.68 36.28
CA GLN A 212 16.63 15.66 35.25
C GLN A 212 15.84 16.96 35.44
N ALA A 213 14.59 16.85 35.88
CA ALA A 213 13.77 18.06 35.98
C ALA A 213 14.29 18.96 37.11
N VAL A 214 14.56 18.30 38.23
CA VAL A 214 15.21 18.91 39.39
C VAL A 214 16.50 19.57 38.95
N LYS A 215 17.39 18.78 38.35
CA LYS A 215 18.61 19.36 37.81
C LYS A 215 18.31 20.49 36.82
N GLY A 216 17.38 20.24 35.90
CA GLY A 216 17.07 21.23 34.88
C GLY A 216 16.65 22.54 35.52
N LEU A 217 15.91 22.38 36.62
CA LEU A 217 15.39 23.51 37.37
C LEU A 217 16.50 24.38 37.96
N ASN A 218 17.32 23.83 38.84
CA ASN A 218 18.40 24.62 39.44
C ASN A 218 19.26 25.34 38.41
N GLU A 219 19.69 24.62 37.38
CA GLU A 219 20.47 25.06 36.24
C GLU A 219 19.94 26.32 35.58
N SER A 220 18.62 26.49 35.54
CA SER A 220 18.01 27.66 34.93
C SER A 220 17.84 28.78 35.96
N LYS A 221 18.08 28.42 37.21
CA LYS A 221 18.10 29.38 38.31
C LYS A 221 19.49 30.01 38.40
N LYS A 222 20.47 29.11 38.30
CA LYS A 222 21.90 29.26 38.26
C LYS A 222 22.56 28.70 39.53
N ALA B 1 22.95 -16.35 -22.26
CA ALA B 1 22.12 -17.51 -22.54
C ALA B 1 21.42 -17.44 -23.88
N GLU B 2 21.54 -18.49 -24.70
CA GLU B 2 20.70 -18.43 -25.90
C GLU B 2 19.71 -19.61 -25.88
N SER B 3 19.91 -20.45 -24.90
CA SER B 3 19.23 -21.63 -24.42
C SER B 3 18.06 -21.30 -23.49
N LEU B 4 16.96 -20.79 -24.02
CA LEU B 4 15.78 -20.42 -23.25
C LEU B 4 14.79 -21.59 -23.24
N PRO B 5 13.89 -21.61 -22.27
CA PRO B 5 12.82 -22.62 -22.26
C PRO B 5 11.97 -22.59 -23.54
N ASP B 6 11.53 -23.74 -24.04
CA ASP B 6 10.76 -23.81 -25.26
C ASP B 6 9.36 -23.24 -25.12
N LEU B 7 8.76 -22.83 -26.24
CA LEU B 7 7.36 -22.44 -26.24
C LEU B 7 6.49 -23.54 -25.65
N LYS B 8 5.61 -23.20 -24.71
CA LYS B 8 4.68 -24.21 -24.17
C LYS B 8 3.24 -23.94 -24.59
N ILE B 9 2.44 -25.01 -24.70
CA ILE B 9 1.04 -24.89 -25.04
C ILE B 9 0.27 -25.81 -24.09
N GLU B 10 -0.57 -25.24 -23.27
CA GLU B 10 -1.25 -26.04 -22.23
C GLU B 10 -2.75 -25.80 -22.23
N LYS B 11 -3.56 -26.81 -21.96
CA LYS B 11 -5.01 -26.64 -21.98
C LYS B 11 -5.57 -26.04 -20.69
N LEU B 12 -6.25 -24.91 -20.76
CA LEU B 12 -6.80 -24.28 -19.55
C LEU B 12 -8.26 -24.69 -19.34
N ASP B 13 -9.04 -24.72 -20.41
CA ASP B 13 -10.47 -25.01 -20.33
C ASP B 13 -10.95 -25.48 -21.70
N GLU B 14 -12.21 -25.81 -21.85
CA GLU B 14 -12.74 -26.20 -23.16
C GLU B 14 -12.54 -25.08 -24.19
N GLY B 15 -11.84 -25.33 -25.27
CA GLY B 15 -11.57 -24.34 -26.30
C GLY B 15 -10.59 -23.27 -25.89
N VAL B 16 -9.86 -23.45 -24.77
CA VAL B 16 -9.04 -22.34 -24.30
C VAL B 16 -7.67 -22.83 -23.86
N TYR B 17 -6.68 -22.52 -24.69
CA TYR B 17 -5.28 -22.91 -24.45
C TYR B 17 -4.41 -21.72 -24.03
N VAL B 18 -3.46 -21.98 -23.14
CA VAL B 18 -2.46 -20.98 -22.75
C VAL B 18 -1.17 -21.30 -23.51
N HIS B 19 -0.64 -20.25 -24.12
CA HIS B 19 0.69 -20.32 -24.73
C HIS B 19 1.66 -19.48 -23.90
N THR B 20 2.85 -20.01 -23.63
CA THR B 20 3.85 -19.37 -22.82
C THR B 20 5.17 -19.28 -23.62
N SER B 21 5.68 -18.09 -23.84
CA SER B 21 6.94 -17.93 -24.57
C SER B 21 7.94 -17.26 -23.63
N PHE B 22 9.23 -17.39 -23.88
CA PHE B 22 10.27 -16.94 -22.98
C PHE B 22 11.28 -16.08 -23.72
N GLU B 23 11.76 -15.05 -23.06
CA GLU B 23 12.70 -14.10 -23.62
C GLU B 23 13.47 -13.39 -22.53
N GLU B 24 14.76 -13.16 -22.79
CA GLU B 24 15.53 -12.33 -21.85
C GLU B 24 15.25 -10.85 -22.11
N VAL B 25 14.96 -10.13 -21.04
CA VAL B 25 14.47 -8.77 -21.07
C VAL B 25 15.21 -7.91 -20.03
N ASN B 26 15.88 -6.89 -20.56
CA ASN B 26 16.65 -5.94 -19.78
C ASN B 26 17.42 -6.62 -18.66
N GLY B 27 17.01 -6.23 -17.45
CA GLY B 27 17.63 -6.67 -16.20
C GLY B 27 16.75 -7.65 -15.47
N TRP B 28 15.69 -8.15 -16.11
CA TRP B 28 14.87 -9.12 -15.38
C TRP B 28 15.25 -10.56 -15.70
N GLY B 29 16.22 -10.83 -16.56
CA GLY B 29 16.50 -12.23 -16.87
C GLY B 29 15.45 -12.77 -17.83
N VAL B 30 15.37 -14.09 -17.99
CA VAL B 30 14.32 -14.74 -18.76
C VAL B 30 12.93 -14.36 -18.23
N VAL B 31 12.09 -13.82 -19.09
CA VAL B 31 10.71 -13.46 -18.70
C VAL B 31 9.71 -14.37 -19.40
N PRO B 32 8.91 -15.10 -18.63
CA PRO B 32 7.85 -15.93 -19.20
C PRO B 32 6.67 -15.03 -19.54
N LYS B 33 6.02 -15.25 -20.68
CA LYS B 33 4.88 -14.44 -21.11
C LYS B 33 3.68 -15.31 -21.45
N HIS B 34 2.52 -15.11 -20.82
CA HIS B 34 1.35 -15.89 -21.19
C HIS B 34 0.38 -15.16 -22.11
N GLY B 35 -0.22 -15.83 -23.07
CA GLY B 35 -1.33 -15.42 -23.93
C GLY B 35 -2.29 -16.58 -24.08
N LEU B 36 -3.36 -16.44 -24.86
CA LEU B 36 -4.30 -17.54 -25.05
C LEU B 36 -4.47 -17.84 -26.54
N VAL B 37 -4.94 -19.04 -26.82
CA VAL B 37 -5.55 -19.38 -28.10
C VAL B 37 -6.98 -19.83 -27.80
N VAL B 38 -7.99 -19.21 -28.38
CA VAL B 38 -9.39 -19.55 -28.15
C VAL B 38 -9.98 -20.21 -29.40
N LEU B 39 -10.64 -21.34 -29.21
CA LEU B 39 -11.17 -22.09 -30.35
C LEU B 39 -12.68 -21.90 -30.41
N VAL B 40 -13.21 -21.59 -31.58
CA VAL B 40 -14.65 -21.46 -31.82
C VAL B 40 -14.96 -22.49 -32.92
N ASN B 41 -15.40 -23.69 -32.57
CA ASN B 41 -15.43 -24.76 -33.58
C ASN B 41 -14.05 -25.03 -34.15
N ALA B 42 -13.84 -24.82 -35.46
CA ALA B 42 -12.52 -25.14 -35.98
C ALA B 42 -11.69 -23.88 -36.16
N GLU B 43 -12.23 -22.75 -35.74
CA GLU B 43 -11.53 -21.46 -35.79
C GLU B 43 -10.70 -21.22 -34.54
N ALA B 44 -9.48 -20.71 -34.70
CA ALA B 44 -8.64 -20.32 -33.59
C ALA B 44 -8.29 -18.82 -33.63
N TYR B 45 -8.36 -18.18 -32.46
CA TYR B 45 -8.02 -16.78 -32.25
C TYR B 45 -6.89 -16.66 -31.23
N LEU B 46 -5.85 -15.92 -31.63
CA LEU B 46 -4.70 -15.65 -30.78
C LEU B 46 -4.96 -14.44 -29.87
N ILE B 47 -4.82 -14.73 -28.58
CA ILE B 47 -4.95 -13.66 -27.59
C ILE B 47 -3.52 -13.35 -27.11
N ASP B 48 -3.02 -12.27 -27.67
CA ASP B 48 -1.65 -11.82 -27.68
C ASP B 48 -0.77 -12.71 -28.55
N THR B 49 0.26 -12.16 -29.19
CA THR B 49 1.27 -13.02 -29.81
C THR B 49 2.40 -13.31 -28.83
N PRO B 50 3.16 -14.39 -29.04
CA PRO B 50 4.42 -14.61 -28.34
C PRO B 50 5.40 -13.46 -28.56
N PHE B 51 6.54 -13.48 -27.86
CA PHE B 51 7.52 -12.42 -28.02
C PHE B 51 8.06 -12.31 -29.46
N THR B 52 8.09 -13.38 -30.24
CA THR B 52 8.75 -13.35 -31.54
C THR B 52 8.02 -14.07 -32.67
N ALA B 53 8.50 -13.71 -33.86
CA ALA B 53 8.00 -14.39 -35.06
C ALA B 53 8.18 -15.90 -34.94
N LYS B 54 9.38 -16.31 -34.52
CA LYS B 54 9.66 -17.73 -34.45
C LYS B 54 8.68 -18.45 -33.55
N ASP B 55 8.33 -17.85 -32.41
CA ASP B 55 7.40 -18.59 -31.55
C ASP B 55 5.99 -18.51 -32.10
N THR B 56 5.67 -17.39 -32.75
CA THR B 56 4.31 -17.20 -33.28
C THR B 56 4.09 -18.24 -34.38
N GLU B 57 5.13 -18.45 -35.17
CA GLU B 57 5.04 -19.47 -36.21
C GLU B 57 4.81 -20.84 -35.59
N LYS B 58 5.66 -21.20 -34.62
CA LYS B 58 5.51 -22.47 -33.93
C LYS B 58 4.08 -22.66 -33.43
N LEU B 59 3.53 -21.58 -32.89
CA LEU B 59 2.21 -21.64 -32.24
C LEU B 59 1.11 -21.87 -33.25
N VAL B 60 1.24 -21.16 -34.36
CA VAL B 60 0.21 -21.25 -35.41
C VAL B 60 0.22 -22.61 -36.09
N THR B 61 1.43 -23.10 -36.29
CA THR B 61 1.65 -24.42 -36.88
C THR B 61 1.09 -25.53 -35.99
N TRP B 62 1.30 -25.47 -34.69
CA TRP B 62 0.83 -26.52 -33.77
C TRP B 62 -0.67 -26.71 -33.87
N PHE B 63 -1.37 -25.57 -34.01
CA PHE B 63 -2.82 -25.66 -34.14
C PHE B 63 -3.23 -26.05 -35.56
N VAL B 64 -2.53 -25.55 -36.57
CA VAL B 64 -2.89 -25.92 -37.95
C VAL B 64 -2.69 -27.41 -38.18
N GLU B 65 -1.68 -27.99 -37.54
CA GLU B 65 -1.43 -29.42 -37.74
C GLU B 65 -2.48 -30.25 -37.03
N ARG B 66 -3.30 -29.60 -36.21
CA ARG B 66 -4.36 -30.26 -35.46
C ARG B 66 -5.74 -30.01 -36.04
N GLY B 67 -5.85 -29.34 -37.19
CA GLY B 67 -7.10 -29.17 -37.89
C GLY B 67 -7.76 -27.81 -37.76
N TYR B 68 -7.07 -26.84 -37.16
CA TYR B 68 -7.73 -25.55 -36.99
C TYR B 68 -7.28 -24.56 -38.05
N LYS B 69 -8.07 -23.52 -38.26
CA LYS B 69 -7.66 -22.40 -39.07
C LYS B 69 -7.43 -21.17 -38.20
N ILE B 70 -6.34 -20.44 -38.38
CA ILE B 70 -6.15 -19.24 -37.57
C ILE B 70 -6.91 -18.07 -38.18
N LYS B 71 -7.89 -17.55 -37.44
CA LYS B 71 -8.75 -16.54 -38.01
C LYS B 71 -8.29 -15.14 -37.68
N GLY B 72 -7.48 -14.98 -36.64
CA GLY B 72 -7.16 -13.58 -36.30
C GLY B 72 -6.32 -13.51 -35.05
N SER B 73 -5.70 -12.36 -34.81
CA SER B 73 -5.08 -12.13 -33.51
C SER B 73 -5.52 -10.80 -32.90
N ILE B 74 -5.57 -10.75 -31.58
CA ILE B 74 -5.73 -9.48 -30.88
C ILE B 74 -4.52 -9.34 -29.94
N SER B 75 -3.96 -8.14 -29.85
CA SER B 75 -2.85 -7.79 -28.97
C SER B 75 -3.33 -6.84 -27.88
N SER B 76 -3.05 -7.18 -26.63
CA SER B 76 -3.60 -6.47 -25.46
C SER B 76 -2.85 -5.19 -25.14
N HIS B 77 -1.68 -4.96 -25.72
CA HIS B 77 -1.03 -3.65 -25.56
C HIS B 77 0.20 -3.60 -26.49
N PHE B 78 0.88 -2.46 -26.64
CA PHE B 78 1.87 -2.33 -27.70
C PHE B 78 3.22 -2.94 -27.39
N HIS B 79 3.55 -3.30 -26.14
CA HIS B 79 4.87 -3.92 -25.95
C HIS B 79 4.99 -5.21 -26.75
N SER B 80 6.21 -5.55 -27.20
CA SER B 80 6.39 -6.72 -28.03
C SER B 80 6.11 -8.04 -27.32
N ASP B 81 5.95 -8.10 -26.00
CA ASP B 81 5.53 -9.40 -25.43
C ASP B 81 4.06 -9.66 -25.76
N SER B 82 3.36 -8.69 -26.32
CA SER B 82 2.00 -8.83 -26.81
C SER B 82 1.89 -8.68 -28.33
N THR B 83 2.88 -8.04 -28.95
CA THR B 83 2.78 -7.72 -30.36
C THR B 83 3.93 -8.25 -31.21
N GLY B 84 4.85 -9.01 -30.64
CA GLY B 84 6.03 -9.32 -31.42
C GLY B 84 5.74 -10.14 -32.66
N GLY B 85 4.57 -10.77 -32.77
CA GLY B 85 4.33 -11.66 -33.91
C GLY B 85 3.41 -11.06 -34.95
N ILE B 86 3.09 -9.78 -34.82
CA ILE B 86 2.12 -9.14 -35.71
C ILE B 86 2.64 -9.16 -37.14
N GLU B 87 3.88 -8.75 -37.32
CA GLU B 87 4.52 -8.74 -38.63
C GLU B 87 4.36 -10.08 -39.34
N TRP B 88 4.86 -11.14 -38.75
CA TRP B 88 4.73 -12.47 -39.34
C TRP B 88 3.29 -12.81 -39.69
N LEU B 89 2.33 -12.56 -38.80
CA LEU B 89 0.93 -12.86 -39.08
C LEU B 89 0.43 -12.09 -40.30
N ASN B 90 0.89 -10.85 -40.43
CA ASN B 90 0.55 -9.99 -41.57
C ASN B 90 1.03 -10.62 -42.87
N SER B 91 2.26 -11.12 -42.80
CA SER B 91 2.95 -11.83 -43.86
C SER B 91 2.19 -13.09 -44.26
N ARG B 92 1.32 -13.57 -43.39
CA ARG B 92 0.56 -14.79 -43.63
C ARG B 92 -0.88 -14.46 -44.01
N SER B 93 -1.16 -13.16 -44.17
CA SER B 93 -2.53 -12.78 -44.53
C SER B 93 -3.52 -13.27 -43.48
N ILE B 94 -3.13 -13.16 -42.22
CA ILE B 94 -3.94 -13.44 -41.05
C ILE B 94 -4.31 -12.14 -40.34
N PRO B 95 -5.60 -11.78 -40.28
CA PRO B 95 -6.00 -10.47 -39.79
C PRO B 95 -5.54 -10.28 -38.33
N THR B 96 -4.95 -9.12 -38.08
CA THR B 96 -4.42 -8.79 -36.75
C THR B 96 -5.19 -7.60 -36.18
N TYR B 97 -5.51 -7.64 -34.89
CA TYR B 97 -6.30 -6.54 -34.34
C TYR B 97 -5.59 -5.90 -33.14
N ALA B 98 -5.89 -4.63 -32.99
CA ALA B 98 -5.38 -3.80 -31.92
C ALA B 98 -6.27 -2.58 -31.77
N SER B 99 -6.21 -1.97 -30.58
CA SER B 99 -7.05 -0.78 -30.44
C SER B 99 -6.40 0.36 -31.24
N GLU B 100 -7.10 1.48 -31.35
CA GLU B 100 -6.57 2.65 -32.05
C GLU B 100 -5.27 3.10 -31.40
N LEU B 101 -5.33 3.38 -30.10
CA LEU B 101 -4.15 3.83 -29.37
C LEU B 101 -2.99 2.85 -29.41
N THR B 102 -3.27 1.54 -29.26
CA THR B 102 -2.19 0.57 -29.31
C THR B 102 -1.48 0.65 -30.66
N ASN B 103 -2.25 0.76 -31.75
CA ASN B 103 -1.65 0.83 -33.07
C ASN B 103 -0.82 2.11 -33.17
N GLU B 104 -1.33 3.16 -32.52
CA GLU B 104 -0.66 4.46 -32.45
C GLU B 104 0.70 4.34 -31.79
N LEU B 105 0.77 3.64 -30.64
CA LEU B 105 2.08 3.54 -30.00
C LEU B 105 3.01 2.63 -30.77
N LEU B 106 2.46 1.70 -31.55
CA LEU B 106 3.39 0.83 -32.29
C LEU B 106 4.13 1.63 -33.35
N LYS B 107 3.40 2.40 -34.14
CA LYS B 107 3.96 3.23 -35.21
C LYS B 107 5.10 4.09 -34.69
N LYS B 108 4.80 4.95 -33.73
CA LYS B 108 5.68 5.90 -33.07
C LYS B 108 6.94 5.25 -32.50
N ASP B 109 6.77 4.03 -32.01
CA ASP B 109 7.87 3.25 -31.50
C ASP B 109 8.50 2.44 -32.65
N GLY B 110 8.23 2.89 -33.87
CA GLY B 110 8.77 2.30 -35.08
C GLY B 110 8.36 0.86 -35.29
N LYS B 111 7.17 0.48 -34.83
CA LYS B 111 6.83 -0.94 -34.96
C LYS B 111 5.74 -1.19 -35.99
N VAL B 112 5.63 -2.46 -36.38
CA VAL B 112 4.58 -2.88 -37.31
C VAL B 112 3.22 -2.79 -36.60
N GLN B 113 2.20 -2.42 -37.35
CA GLN B 113 0.87 -2.25 -36.77
C GLN B 113 -0.02 -3.40 -37.18
N ALA B 114 -1.09 -3.60 -36.39
CA ALA B 114 -2.04 -4.63 -36.85
C ALA B 114 -2.80 -4.04 -38.04
N THR B 115 -3.38 -4.92 -38.84
CA THR B 115 -4.08 -4.49 -40.05
C THR B 115 -5.47 -3.97 -39.75
N ASN B 116 -6.02 -4.32 -38.59
CA ASN B 116 -7.34 -3.88 -38.20
C ASN B 116 -7.29 -3.29 -36.79
N SER B 117 -7.99 -2.19 -36.63
CA SER B 117 -8.05 -1.52 -35.33
C SER B 117 -9.49 -1.20 -34.97
N PHE B 118 -9.70 -0.91 -33.69
CA PHE B 118 -11.01 -0.56 -33.16
C PHE B 118 -10.88 0.73 -32.36
N SER B 119 -11.99 1.43 -32.19
CA SER B 119 -12.04 2.66 -31.39
C SER B 119 -13.00 2.49 -30.23
N GLY B 120 -13.07 3.45 -29.31
CA GLY B 120 -14.00 3.18 -28.21
C GLY B 120 -13.38 2.16 -27.26
N VAL B 121 -14.13 1.83 -26.23
CA VAL B 121 -13.71 1.20 -24.98
C VAL B 121 -14.00 -0.29 -24.93
N ASN B 122 -14.62 -0.78 -26.01
CA ASN B 122 -14.93 -2.21 -26.07
C ASN B 122 -15.20 -2.62 -27.52
N TYR B 123 -14.80 -3.84 -27.83
CA TYR B 123 -15.00 -4.33 -29.18
C TYR B 123 -15.14 -5.84 -29.08
N TRP B 124 -16.10 -6.37 -29.82
CA TRP B 124 -16.36 -7.81 -29.86
C TRP B 124 -15.59 -8.40 -31.04
N LEU B 125 -14.49 -9.09 -30.76
CA LEU B 125 -13.70 -9.70 -31.82
C LEU B 125 -14.54 -10.80 -32.46
N VAL B 126 -15.26 -11.51 -31.61
CA VAL B 126 -16.18 -12.57 -32.03
C VAL B 126 -17.47 -12.29 -31.29
N LYS B 127 -18.51 -11.90 -32.04
CA LYS B 127 -19.76 -11.57 -31.37
C LYS B 127 -20.20 -12.68 -30.41
N ASN B 128 -20.46 -12.24 -29.21
CA ASN B 128 -20.94 -12.93 -28.04
C ASN B 128 -19.95 -13.98 -27.56
N LYS B 129 -18.69 -13.88 -28.01
CA LYS B 129 -17.73 -14.92 -27.62
C LYS B 129 -16.39 -14.37 -27.16
N ILE B 130 -15.92 -13.31 -27.81
CA ILE B 130 -14.61 -12.74 -27.49
C ILE B 130 -14.71 -11.23 -27.46
N GLU B 131 -14.74 -10.70 -26.24
CA GLU B 131 -14.85 -9.25 -26.04
C GLU B 131 -13.50 -8.64 -25.66
N VAL B 132 -13.19 -7.48 -26.21
CA VAL B 132 -12.07 -6.65 -25.83
C VAL B 132 -12.59 -5.46 -25.02
N PHE B 133 -11.96 -5.18 -23.88
CA PHE B 133 -12.43 -4.09 -23.04
C PHE B 133 -11.28 -3.23 -22.53
N TYR B 134 -11.47 -1.91 -22.64
CA TYR B 134 -10.46 -0.95 -22.16
C TYR B 134 -10.84 -0.43 -20.80
N PRO B 135 -10.10 -0.78 -19.74
CA PRO B 135 -10.45 -0.29 -18.40
C PRO B 135 -9.85 1.06 -18.05
N GLY B 136 -8.97 1.59 -18.88
CA GLY B 136 -8.21 2.79 -18.57
C GLY B 136 -6.72 2.54 -18.50
N PRO B 137 -5.93 3.61 -18.47
CA PRO B 137 -4.48 3.46 -18.43
C PRO B 137 -3.99 2.78 -17.16
N GLY B 138 -2.87 2.07 -17.28
CA GLY B 138 -2.26 1.47 -16.10
C GLY B 138 -0.84 1.03 -16.42
N HIS B 139 -0.67 -0.24 -16.78
CA HIS B 139 0.63 -0.76 -17.16
C HIS B 139 1.18 0.11 -18.28
N THR B 140 0.28 0.45 -19.20
CA THR B 140 0.58 1.31 -20.34
C THR B 140 -0.65 2.14 -20.66
N PRO B 141 -0.57 3.15 -21.51
CA PRO B 141 -1.79 3.94 -21.78
C PRO B 141 -2.88 3.15 -22.49
N ASP B 142 -2.52 2.19 -23.32
CA ASP B 142 -3.43 1.46 -24.18
C ASP B 142 -3.88 0.11 -23.66
N ASN B 143 -3.49 -0.32 -22.45
CA ASN B 143 -3.72 -1.73 -22.12
C ASN B 143 -5.19 -2.12 -22.12
N VAL B 144 -5.50 -3.25 -22.76
CA VAL B 144 -6.86 -3.76 -22.78
C VAL B 144 -6.92 -5.21 -22.31
N VAL B 145 -8.10 -5.69 -21.90
CA VAL B 145 -8.29 -7.07 -21.45
C VAL B 145 -9.17 -7.81 -22.45
N VAL B 146 -9.27 -9.12 -22.36
CA VAL B 146 -10.10 -9.93 -23.25
C VAL B 146 -10.98 -10.88 -22.44
N TRP B 147 -12.29 -10.74 -22.60
CA TRP B 147 -13.28 -11.53 -21.85
C TRP B 147 -13.92 -12.62 -22.70
N LEU B 148 -14.01 -13.81 -22.16
CA LEU B 148 -14.64 -14.97 -22.79
C LEU B 148 -15.93 -15.26 -22.02
N PRO B 149 -17.05 -14.65 -22.34
CA PRO B 149 -18.23 -14.79 -21.46
C PRO B 149 -18.75 -16.20 -21.30
N GLU B 150 -18.66 -17.09 -22.27
CA GLU B 150 -19.13 -18.46 -22.20
C GLU B 150 -18.34 -19.27 -21.18
N ARG B 151 -17.07 -18.93 -20.97
CA ARG B 151 -16.26 -19.66 -20.01
C ARG B 151 -15.95 -18.87 -18.73
N LYS B 152 -16.34 -17.62 -18.65
CA LYS B 152 -16.04 -16.69 -17.58
C LYS B 152 -14.54 -16.60 -17.28
N ILE B 153 -13.74 -16.45 -18.34
CA ILE B 153 -12.28 -16.34 -18.26
C ILE B 153 -11.86 -14.96 -18.73
N LEU B 154 -11.13 -14.20 -17.92
CA LEU B 154 -10.62 -12.88 -18.29
C LEU B 154 -9.11 -12.97 -18.55
N PHE B 155 -8.67 -12.62 -19.75
CA PHE B 155 -7.23 -12.47 -19.98
C PHE B 155 -6.86 -11.03 -19.60
N GLY B 156 -6.08 -10.86 -18.54
CA GLY B 156 -5.78 -9.53 -18.03
C GLY B 156 -4.54 -8.91 -18.62
N GLY B 157 -3.69 -9.71 -19.27
CA GLY B 157 -2.48 -9.16 -19.88
C GLY B 157 -1.56 -8.58 -18.82
N CYS B 158 -0.79 -7.54 -19.16
CA CYS B 158 0.22 -7.05 -18.22
C CYS B 158 -0.35 -6.04 -17.24
N PHE B 159 -1.66 -5.82 -17.34
CA PHE B 159 -2.41 -4.99 -16.41
C PHE B 159 -2.58 -5.71 -15.08
N ILE B 160 -2.68 -7.05 -15.16
CA ILE B 160 -2.86 -7.85 -13.95
C ILE B 160 -1.49 -8.14 -13.35
N LYS B 161 -1.23 -7.55 -12.20
CA LYS B 161 0.05 -7.54 -11.50
C LYS B 161 -0.15 -7.70 -10.00
N PRO B 162 -0.45 -8.93 -9.60
CA PRO B 162 -0.83 -9.21 -8.23
C PRO B 162 0.32 -9.21 -7.23
N TYR B 163 1.57 -9.29 -7.67
CA TYR B 163 2.68 -9.42 -6.72
C TYR B 163 3.67 -8.27 -6.87
N GLY B 164 3.28 -7.20 -7.59
CA GLY B 164 4.22 -6.13 -7.89
C GLY B 164 3.96 -5.73 -9.33
N LEU B 165 4.18 -4.46 -9.64
CA LEU B 165 3.74 -3.84 -10.88
C LEU B 165 4.63 -4.11 -12.07
N GLY B 166 5.87 -4.57 -11.89
CA GLY B 166 6.69 -4.84 -13.07
C GLY B 166 7.32 -3.61 -13.69
N ASN B 167 7.39 -3.60 -15.02
CA ASN B 167 8.03 -2.57 -15.80
C ASN B 167 7.24 -1.27 -15.80
N LEU B 168 7.76 -0.23 -15.16
CA LEU B 168 7.00 1.02 -15.05
C LEU B 168 7.37 2.01 -16.14
N GLY B 169 8.21 1.61 -17.08
CA GLY B 169 8.67 2.45 -18.15
C GLY B 169 7.57 3.21 -18.88
N ASP B 170 6.39 2.61 -19.12
CA ASP B 170 5.35 3.31 -19.86
C ASP B 170 4.01 3.31 -19.11
N ALA B 171 4.09 3.02 -17.83
CA ALA B 171 3.00 2.96 -16.88
C ALA B 171 2.47 4.34 -16.49
N ASN B 172 1.19 4.37 -16.17
CA ASN B 172 0.48 5.52 -15.62
C ASN B 172 0.08 5.18 -14.19
N ILE B 173 1.02 5.41 -13.28
CA ILE B 173 0.88 5.15 -11.85
C ILE B 173 -0.32 5.82 -11.23
N GLU B 174 -0.58 7.07 -11.64
CA GLU B 174 -1.71 7.78 -11.04
C GLU B 174 -3.03 7.17 -11.48
N ALA B 175 -3.10 6.84 -12.77
CA ALA B 175 -4.36 6.31 -13.27
C ALA B 175 -4.59 4.86 -12.91
N TRP B 176 -3.55 4.09 -12.62
CA TRP B 176 -3.75 2.63 -12.50
C TRP B 176 -4.76 2.25 -11.43
N PRO B 177 -4.83 2.85 -10.24
CA PRO B 177 -5.82 2.35 -9.27
C PRO B 177 -7.27 2.51 -9.72
N LYS B 178 -7.56 3.55 -10.50
CA LYS B 178 -8.96 3.69 -10.89
C LYS B 178 -9.29 2.63 -11.94
N SER B 179 -8.42 2.53 -12.94
CA SER B 179 -8.56 1.53 -13.99
C SER B 179 -8.83 0.15 -13.39
N ALA B 180 -8.06 -0.17 -12.36
CA ALA B 180 -8.20 -1.46 -11.70
C ALA B 180 -9.52 -1.57 -10.94
N LYS B 181 -9.98 -0.47 -10.35
CA LYS B 181 -11.21 -0.53 -9.57
C LYS B 181 -12.42 -0.85 -10.46
N LEU B 182 -12.40 -0.18 -11.62
CA LEU B 182 -13.44 -0.40 -12.61
C LEU B 182 -13.38 -1.82 -13.19
N LEU B 183 -12.17 -2.32 -13.43
CA LEU B 183 -12.08 -3.67 -14.00
C LEU B 183 -12.71 -4.66 -13.02
N LYS B 184 -12.42 -4.40 -11.75
CA LYS B 184 -12.94 -5.27 -10.69
C LYS B 184 -14.47 -5.23 -10.65
N SER B 185 -15.06 -4.07 -10.95
CA SER B 185 -16.52 -4.01 -10.96
C SER B 185 -17.10 -4.81 -12.12
N LYS B 186 -16.63 -4.54 -13.34
CA LYS B 186 -17.18 -5.16 -14.53
C LYS B 186 -16.90 -6.66 -14.60
N TYR B 187 -15.79 -7.16 -14.05
CA TYR B 187 -15.49 -8.59 -14.23
C TYR B 187 -15.32 -9.32 -12.91
N GLY B 188 -15.96 -8.80 -11.88
CA GLY B 188 -15.98 -9.39 -10.56
C GLY B 188 -16.36 -10.86 -10.55
N LYS B 189 -17.18 -11.23 -11.52
CA LYS B 189 -17.72 -12.57 -11.67
C LYS B 189 -16.88 -13.52 -12.51
N ALA B 190 -15.67 -13.16 -12.95
CA ALA B 190 -14.83 -14.16 -13.62
C ALA B 190 -14.57 -15.38 -12.76
N LYS B 191 -14.53 -16.57 -13.37
CA LYS B 191 -14.06 -17.73 -12.63
C LYS B 191 -12.53 -17.82 -12.69
N LEU B 192 -11.90 -17.33 -13.75
CA LEU B 192 -10.44 -17.42 -13.86
C LEU B 192 -9.91 -16.13 -14.49
N VAL B 193 -8.77 -15.67 -14.01
CA VAL B 193 -8.09 -14.48 -14.51
C VAL B 193 -6.70 -14.92 -14.97
N VAL B 194 -6.33 -14.64 -16.20
CA VAL B 194 -5.03 -15.04 -16.74
C VAL B 194 -4.10 -13.84 -16.86
N PRO B 195 -3.12 -13.70 -15.98
CA PRO B 195 -2.15 -12.61 -16.07
C PRO B 195 -1.12 -12.90 -17.13
N SER B 196 -0.41 -11.88 -17.55
CA SER B 196 0.64 -12.08 -18.55
C SER B 196 1.86 -12.83 -17.98
N HIS B 197 2.26 -12.44 -16.75
CA HIS B 197 3.56 -12.93 -16.31
C HIS B 197 3.51 -13.76 -15.03
N SER B 198 2.37 -13.81 -14.33
CA SER B 198 2.30 -14.81 -13.25
C SER B 198 1.25 -15.82 -13.67
N GLU B 199 0.93 -16.81 -12.84
CA GLU B 199 0.04 -17.90 -13.30
C GLU B 199 -1.43 -17.61 -13.06
N VAL B 200 -2.33 -18.38 -13.65
CA VAL B 200 -3.77 -18.18 -13.51
C VAL B 200 -4.20 -18.24 -12.04
N GLY B 201 -5.20 -17.45 -11.70
CA GLY B 201 -5.84 -17.47 -10.39
C GLY B 201 -7.31 -17.17 -10.55
N ASP B 202 -8.04 -16.74 -9.52
CA ASP B 202 -9.46 -16.42 -9.78
C ASP B 202 -9.65 -14.92 -9.60
N ALA B 203 -10.89 -14.46 -9.34
CA ALA B 203 -11.08 -13.00 -9.32
C ALA B 203 -10.28 -12.31 -8.23
N SER B 204 -9.67 -13.03 -7.28
CA SER B 204 -8.78 -12.45 -6.30
C SER B 204 -7.69 -11.63 -6.95
N LEU B 205 -7.21 -12.09 -8.09
CA LEU B 205 -6.13 -11.33 -8.74
C LEU B 205 -6.57 -9.93 -9.10
N LEU B 206 -7.89 -9.72 -9.23
CA LEU B 206 -8.37 -8.36 -9.51
C LEU B 206 -8.20 -7.47 -8.29
N LYS B 207 -8.43 -8.06 -7.12
CA LYS B 207 -8.24 -7.32 -5.88
C LYS B 207 -6.78 -7.02 -5.59
N LEU B 208 -5.92 -8.03 -5.73
CA LEU B 208 -4.50 -7.85 -5.48
C LEU B 208 -3.89 -6.84 -6.43
N THR B 209 -4.41 -6.78 -7.65
CA THR B 209 -3.88 -5.80 -8.60
C THR B 209 -4.21 -4.40 -8.12
N LEU B 210 -5.42 -4.28 -7.60
CA LEU B 210 -5.85 -2.94 -7.13
C LEU B 210 -4.96 -2.50 -5.98
N GLU B 211 -4.82 -3.33 -4.95
CA GLU B 211 -3.86 -3.08 -3.87
C GLU B 211 -2.45 -2.77 -4.33
N GLN B 212 -1.91 -3.46 -5.34
CA GLN B 212 -0.52 -3.15 -5.72
C GLN B 212 -0.49 -1.79 -6.42
N ALA B 213 -1.52 -1.50 -7.21
CA ALA B 213 -1.60 -0.20 -7.87
C ALA B 213 -1.65 0.94 -6.85
N VAL B 214 -2.44 0.80 -5.80
CA VAL B 214 -2.60 1.83 -4.77
C VAL B 214 -1.31 1.99 -3.98
N LYS B 215 -0.72 0.86 -3.61
CA LYS B 215 0.57 0.80 -2.94
C LYS B 215 1.64 1.41 -3.85
N GLY B 216 1.51 1.09 -5.13
CA GLY B 216 2.33 1.77 -6.13
C GLY B 216 2.19 3.28 -5.96
N LEU B 217 1.03 3.85 -6.30
CA LEU B 217 0.82 5.29 -6.25
C LEU B 217 1.13 5.92 -4.91
N ASN B 218 0.78 5.26 -3.80
CA ASN B 218 1.12 5.85 -2.50
C ASN B 218 2.62 6.05 -2.36
N GLU B 219 3.43 5.06 -2.73
CA GLU B 219 4.87 5.16 -2.58
C GLU B 219 5.52 6.30 -3.36
N SER B 220 4.99 6.59 -4.54
CA SER B 220 5.53 7.55 -5.49
C SER B 220 5.31 9.01 -5.07
N LYS B 221 5.12 9.25 -3.78
CA LYS B 221 4.94 10.60 -3.25
C LYS B 221 5.07 10.61 -1.73
ZN ZN C . 6.71 17.78 22.38
ZN ZN D . 8.54 14.85 21.54
C ACT E . 14.72 3.89 17.43
O ACT E . 14.28 4.22 18.51
OXT ACT E . 14.20 2.83 16.81
CH3 ACT E . 15.83 4.72 16.84
ZN ZN F . 13.16 2.93 19.21
C1 BYS G . 10.34 17.18 20.36
C2 BYS G . 9.13 17.67 21.13
O3 BYS G . 8.14 16.93 21.28
O4 BYS G . 9.07 18.81 21.65
C5 BYS G . 10.71 18.14 19.23
C6 BYS G . 9.51 18.45 18.36
C7 BYS G . 8.83 19.67 18.48
C8 BYS G . 7.70 19.97 17.72
C9 BYS G . 7.25 19.04 16.75
C10 BYS G . 7.90 17.82 16.64
C11 BYS G . 9.05 17.54 17.40
C12 BYS G . 11.56 16.97 21.26
C13 BYS G . 11.16 16.53 22.64
O14 BYS G . 10.20 15.75 22.85
O15 BYS G . 11.79 16.99 23.64
C16 BYS G . 12.50 15.94 20.59
C17 BYS G . 13.81 16.00 21.36
C18 BYS G . 14.09 15.05 22.38
C19 BYS G . 15.33 15.20 23.00
O20 BYS G . 15.83 14.51 24.02
C21 BYS G . 17.13 15.05 24.35
O22 BYS G . 17.32 16.14 23.43
C23 BYS G . 16.21 16.23 22.68
C24 BYS G . 15.92 17.17 21.69
C25 BYS G . 14.69 17.01 21.01
ZN ZN H . 4.10 -4.31 -21.25
ZN ZN I . 4.30 -7.74 -20.19
C ACT J . 5.38 -20.90 -16.62
O ACT J . 4.57 -20.13 -16.17
OXT ACT J . 4.94 -22.05 -17.15
CH3 ACT J . 6.90 -20.72 -16.60
ZN ZN K . 2.84 -20.38 -16.81
C1 BYS L . 7.17 -6.57 -19.43
C2 BYS L . 6.21 -5.55 -20.05
O3 BYS L . 5.24 -5.91 -20.74
O4 BYS L . 6.45 -4.34 -19.87
C5 BYS L . 8.60 -6.13 -19.82
C6 BYS L . 8.71 -6.10 -21.34
C7 BYS L . 8.92 -4.90 -21.98
C8 BYS L . 8.98 -4.85 -23.39
C9 BYS L . 8.94 -6.05 -24.11
C10 BYS L . 8.70 -7.26 -23.46
C11 BYS L . 8.60 -7.29 -22.07
C12 BYS L . 7.08 -6.57 -17.92
C13 BYS L . 5.67 -6.27 -17.48
O14 BYS L . 4.72 -6.73 -18.15
O15 BYS L . 5.56 -5.58 -16.43
C16 BYS L . 7.44 -7.98 -17.38
C17 BYS L . 7.50 -8.04 -15.89
C18 BYS L . 6.39 -8.43 -15.12
C19 BYS L . 6.52 -8.53 -13.75
O20 BYS L . 5.58 -8.75 -12.82
C21 BYS L . 6.20 -8.70 -11.53
O22 BYS L . 7.54 -8.24 -11.79
C23 BYS L . 7.71 -8.19 -13.11
C24 BYS L . 8.82 -7.76 -13.85
C25 BYS L . 8.69 -7.69 -15.25
#